data_8J49
#
_entry.id   8J49
#
_cell.length_a   30.159
_cell.length_b   45.091
_cell.length_c   52.947
_cell.angle_alpha   92.43
_cell.angle_beta   101.86
_cell.angle_gamma   108.62
#
_symmetry.space_group_name_H-M   'P 1'
#
loop_
_entity.id
_entity.type
_entity.pdbx_description
1 polymer 'Squamosa promoter-binding-like protein 5'
2 polymer 'Sequence-variable mosaic (SVM) signal sequence domain-containing protein'
3 non-polymer 'ZINC ION'
4 water water
#
loop_
_entity_poly.entity_id
_entity_poly.type
_entity_poly.pdbx_seq_one_letter_code
_entity_poly.pdbx_strand_id
1 'polypeptide(L)' GSRLCQVDRCTVNLTEAKQYYRRHRVCEVHAKASAATVAGVRQRFCQQCSRFHELPEFDEAKRSCR A
2 'polypeptide(L)'
;EERVGDMRIVNITFSDINSIKNFQPFSQYFDFTLTGPRYNGNIAQFAMIWKIKNPPHNLLGVFFDNNTRDDEDDKYTLEE
LKQMGNGAKNMYIFWQYEQK
;
B,D
#
# COMPACT_ATOMS: atom_id res chain seq x y z
N GLY A 1 -31.91 14.71 -8.60
CA GLY A 1 -32.48 13.53 -7.96
C GLY A 1 -31.45 12.76 -7.15
N SER A 2 -31.91 11.94 -6.21
CA SER A 2 -31.00 11.29 -5.27
C SER A 2 -29.93 10.47 -5.99
N ARG A 3 -30.32 9.75 -7.05
CA ARG A 3 -29.42 8.82 -7.72
C ARG A 3 -28.64 9.42 -8.87
N LEU A 4 -28.75 10.73 -9.11
CA LEU A 4 -28.21 11.36 -10.30
C LEU A 4 -27.07 12.32 -9.98
N CYS A 5 -26.23 12.56 -11.00
CA CYS A 5 -25.24 13.63 -10.94
C CYS A 5 -25.90 14.95 -10.52
N GLN A 6 -25.24 15.69 -9.63
CA GLN A 6 -25.80 16.92 -9.06
C GLN A 6 -25.67 18.13 -9.98
N VAL A 7 -24.98 18.01 -11.12
CA VAL A 7 -24.92 19.13 -12.05
C VAL A 7 -26.32 19.36 -12.63
N ASP A 8 -26.71 20.64 -12.74
CA ASP A 8 -28.13 20.97 -12.97
C ASP A 8 -28.66 20.35 -14.27
N ARG A 9 -27.87 20.40 -15.33
CA ARG A 9 -28.28 19.91 -16.65
C ARG A 9 -27.93 18.45 -16.89
N CYS A 10 -27.38 17.77 -15.89
CA CYS A 10 -26.92 16.40 -16.04
C CYS A 10 -27.96 15.45 -15.44
N THR A 11 -28.26 14.36 -16.17
CA THR A 11 -29.15 13.33 -15.65
C THR A 11 -28.48 11.97 -15.56
N VAL A 12 -27.14 11.93 -15.58
CA VAL A 12 -26.46 10.63 -15.52
C VAL A 12 -26.78 9.94 -14.22
N ASN A 13 -27.24 8.69 -14.33
CA ASN A 13 -27.58 7.90 -13.16
C ASN A 13 -26.30 7.28 -12.62
N LEU A 14 -26.09 7.40 -11.31
CA LEU A 14 -24.84 6.95 -10.69
C LEU A 14 -25.00 5.72 -9.84
N THR A 15 -26.13 5.01 -9.94
CA THR A 15 -26.32 3.79 -9.17
C THR A 15 -25.43 2.65 -9.63
N GLU A 16 -24.80 2.80 -10.81
CA GLU A 16 -23.95 1.73 -11.39
C GLU A 16 -22.50 2.20 -11.47
N ALA A 17 -22.20 3.43 -11.01
CA ALA A 17 -20.86 3.97 -11.08
C ALA A 17 -20.05 3.52 -9.87
N LYS A 18 -18.76 3.84 -9.91
CA LYS A 18 -17.90 3.54 -8.78
C LYS A 18 -18.43 4.26 -7.55
N GLN A 19 -18.25 3.61 -6.40
CA GLN A 19 -18.78 4.18 -5.18
C GLN A 19 -18.32 5.62 -4.96
N TYR A 20 -17.06 5.92 -5.30
CA TYR A 20 -16.57 7.30 -5.13
C TYR A 20 -17.51 8.30 -5.79
N TYR A 21 -17.95 8.02 -7.01
CA TYR A 21 -18.83 8.96 -7.71
C TYR A 21 -20.23 8.95 -7.14
N ARG A 22 -20.73 7.79 -6.71
CA ARG A 22 -22.11 7.72 -6.19
C ARG A 22 -22.20 8.42 -4.85
N ARG A 23 -21.17 8.24 -4.01
CA ARG A 23 -20.99 8.93 -2.73
C ARG A 23 -21.13 10.43 -2.88
N HIS A 24 -20.44 10.97 -3.86
CA HIS A 24 -20.29 12.41 -4.03
C HIS A 24 -21.21 12.97 -5.11
N ARG A 25 -22.10 12.13 -5.66
CA ARG A 25 -23.17 12.60 -6.55
C ARG A 25 -22.60 13.40 -7.73
N VAL A 26 -21.61 12.83 -8.40
CA VAL A 26 -21.06 13.49 -9.58
C VAL A 26 -20.61 12.41 -10.56
N CYS A 27 -20.93 12.61 -11.84
CA CYS A 27 -20.44 11.70 -12.86
C CYS A 27 -18.97 11.98 -13.14
N GLU A 28 -18.32 11.01 -13.81
CA GLU A 28 -16.89 11.12 -14.06
C GLU A 28 -16.54 12.36 -14.87
N VAL A 29 -17.36 12.68 -15.89
CA VAL A 29 -17.05 13.81 -16.75
C VAL A 29 -17.14 15.11 -15.97
N HIS A 30 -18.19 15.29 -15.18
CA HIS A 30 -18.31 16.55 -14.45
C HIS A 30 -17.37 16.64 -13.26
N ALA A 31 -16.87 15.52 -12.75
CA ALA A 31 -15.83 15.59 -11.72
C ALA A 31 -14.54 16.19 -12.27
N LYS A 32 -14.32 16.13 -13.58
CA LYS A 32 -13.09 16.60 -14.20
C LYS A 32 -13.28 17.85 -15.05
N ALA A 33 -14.53 18.34 -15.15
CA ALA A 33 -14.85 19.49 -15.99
C ALA A 33 -14.26 20.76 -15.41
N SER A 34 -13.89 21.69 -16.30
CA SER A 34 -13.37 22.95 -15.81
C SER A 34 -14.44 23.75 -15.09
N ALA A 35 -15.69 23.62 -15.50
CA ALA A 35 -16.80 24.32 -14.85
C ALA A 35 -18.10 23.63 -15.21
N ALA A 36 -19.05 23.63 -14.26
CA ALA A 36 -20.39 23.18 -14.54
C ALA A 36 -21.35 23.99 -13.68
N THR A 37 -22.58 24.11 -14.14
CA THR A 37 -23.57 24.89 -13.41
C THR A 37 -24.24 23.99 -12.39
N VAL A 38 -24.05 24.32 -11.12
CA VAL A 38 -24.55 23.50 -10.02
C VAL A 38 -25.27 24.43 -9.07
N ALA A 39 -26.55 24.13 -8.81
CA ALA A 39 -27.39 24.94 -7.93
C ALA A 39 -27.45 26.38 -8.46
N GLY A 40 -27.42 26.52 -9.78
CA GLY A 40 -27.61 27.80 -10.43
C GLY A 40 -26.38 28.65 -10.61
N VAL A 41 -25.20 28.21 -10.16
CA VAL A 41 -23.99 29.01 -10.30
C VAL A 41 -22.87 28.16 -10.86
N ARG A 42 -21.86 28.84 -11.42
CA ARG A 42 -20.71 28.16 -12.01
C ARG A 42 -19.85 27.58 -10.90
N GLN A 43 -19.57 26.29 -11.00
CA GLN A 43 -18.79 25.61 -9.97
C GLN A 43 -17.79 24.67 -10.62
N ARG A 44 -16.82 24.20 -9.83
CA ARG A 44 -15.87 23.21 -10.27
C ARG A 44 -15.72 22.19 -9.15
N PHE A 45 -15.63 20.91 -9.52
CA PHE A 45 -15.51 19.83 -8.53
C PHE A 45 -14.10 19.83 -7.96
N CYS A 46 -13.99 20.13 -6.66
CA CYS A 46 -12.69 20.16 -5.98
C CYS A 46 -12.17 18.74 -5.77
N GLN A 47 -10.99 18.46 -6.34
CA GLN A 47 -10.37 17.15 -6.13
C GLN A 47 -10.10 16.88 -4.65
N GLN A 48 -9.68 17.91 -3.93
CA GLN A 48 -9.27 17.75 -2.54
C GLN A 48 -10.46 17.53 -1.61
N CYS A 49 -11.57 18.25 -1.83
CA CYS A 49 -12.74 18.16 -0.96
C CYS A 49 -13.81 17.21 -1.46
N SER A 50 -13.69 16.75 -2.71
CA SER A 50 -14.70 15.93 -3.36
C SER A 50 -16.07 16.61 -3.29
N ARG A 51 -16.07 17.89 -3.64
CA ARG A 51 -17.34 18.61 -3.74
C ARG A 51 -17.14 19.88 -4.53
N PHE A 52 -18.23 20.38 -5.09
CA PHE A 52 -18.17 21.58 -5.92
C PHE A 52 -17.97 22.80 -5.05
N HIS A 53 -17.12 23.73 -5.50
CA HIS A 53 -17.08 25.09 -4.99
C HIS A 53 -17.31 26.04 -6.15
N GLU A 54 -17.72 27.26 -5.84
CA GLU A 54 -17.77 28.27 -6.88
C GLU A 54 -16.36 28.61 -7.37
N LEU A 55 -16.27 29.01 -8.64
CA LEU A 55 -14.96 29.16 -9.27
C LEU A 55 -14.00 30.10 -8.54
N PRO A 56 -14.43 31.20 -7.91
CA PRO A 56 -13.44 32.07 -7.23
C PRO A 56 -12.70 31.40 -6.08
N GLU A 57 -13.15 30.23 -5.62
CA GLU A 57 -12.44 29.51 -4.58
C GLU A 57 -11.21 28.78 -5.10
N PHE A 58 -11.01 28.75 -6.41
CA PHE A 58 -9.86 28.12 -7.03
C PHE A 58 -8.90 29.18 -7.58
N ASP A 59 -7.62 28.95 -7.38
CA ASP A 59 -6.63 29.71 -8.11
C ASP A 59 -6.62 29.28 -9.57
N GLU A 60 -5.72 29.96 -10.29
CA GLU A 60 -5.61 29.75 -11.75
C GLU A 60 -5.23 28.32 -12.08
N ALA A 61 -6.02 27.69 -12.93
CA ALA A 61 -5.73 26.37 -13.49
C ALA A 61 -5.57 25.29 -12.41
N LYS A 62 -6.31 25.43 -11.32
CA LYS A 62 -6.21 24.52 -10.19
C LYS A 62 -7.48 23.71 -10.06
N ARG A 63 -7.33 22.42 -9.75
CA ARG A 63 -8.49 21.54 -9.56
C ARG A 63 -8.85 21.36 -8.10
N SER A 64 -8.08 21.95 -7.20
CA SER A 64 -8.44 21.99 -5.79
C SER A 64 -8.45 23.43 -5.31
N CYS A 65 -9.27 23.68 -4.29
CA CYS A 65 -9.37 25.01 -3.74
C CYS A 65 -8.09 25.37 -2.99
N ARG A 66 -7.87 26.67 -2.83
CA ARG A 66 -6.74 27.12 -2.05
C ARG A 66 -7.13 27.02 -0.59
N GLU B 1 12.39 5.00 -5.26
CA GLU B 1 12.19 3.57 -4.89
C GLU B 1 12.18 3.44 -3.36
N GLU B 2 12.69 4.46 -2.65
CA GLU B 2 12.79 4.40 -1.16
C GLU B 2 12.34 5.78 -0.65
N ARG B 3 12.89 6.86 -1.23
CA ARG B 3 12.36 8.22 -0.95
C ARG B 3 12.45 9.14 -2.15
N VAL B 4 11.40 9.94 -2.41
CA VAL B 4 11.45 10.99 -3.47
C VAL B 4 11.25 12.32 -2.74
N GLY B 5 12.37 12.95 -2.39
CA GLY B 5 12.29 14.18 -1.60
C GLY B 5 11.69 13.92 -0.24
N ASP B 6 10.57 14.56 0.02
CA ASP B 6 9.88 14.44 1.33
C ASP B 6 8.92 13.25 1.36
N MET B 7 8.85 12.44 0.29
CA MET B 7 7.89 11.34 0.27
C MET B 7 8.61 10.01 0.47
N ARG B 8 8.19 9.30 1.51
CA ARG B 8 8.68 7.95 1.79
C ARG B 8 7.86 6.97 0.97
N ILE B 9 8.54 6.05 0.32
CA ILE B 9 7.90 4.94 -0.39
C ILE B 9 7.94 3.72 0.51
N VAL B 10 6.76 3.14 0.76
CA VAL B 10 6.60 2.04 1.72
C VAL B 10 6.00 0.86 0.97
N ASN B 11 6.80 -0.19 0.80
CA ASN B 11 6.32 -1.42 0.16
C ASN B 11 5.84 -2.37 1.23
N ILE B 12 4.54 -2.69 1.24
CA ILE B 12 3.94 -3.58 2.21
C ILE B 12 3.43 -4.81 1.48
N THR B 13 3.74 -5.99 2.01
CA THR B 13 3.45 -7.25 1.34
C THR B 13 2.36 -8.01 2.08
N PHE B 14 1.45 -8.59 1.32
CA PHE B 14 0.28 -9.29 1.83
C PHE B 14 0.19 -10.64 1.14
N SER B 15 -0.51 -11.56 1.80
CA SER B 15 -0.76 -12.86 1.20
C SER B 15 -1.60 -12.73 -0.07
N ASP B 16 -2.64 -11.89 -0.02
CA ASP B 16 -3.54 -11.66 -1.15
C ASP B 16 -4.31 -10.38 -0.86
N ILE B 17 -5.18 -9.99 -1.79
CA ILE B 17 -5.96 -8.75 -1.64
C ILE B 17 -6.91 -8.83 -0.46
N ASN B 18 -7.45 -10.02 -0.18
CA ASN B 18 -8.41 -10.13 0.91
C ASN B 18 -7.77 -9.79 2.25
N SER B 19 -6.48 -10.07 2.42
CA SER B 19 -5.82 -9.76 3.68
C SER B 19 -5.72 -8.24 3.88
N ILE B 20 -5.76 -7.46 2.81
CA ILE B 20 -5.75 -6.01 2.98
C ILE B 20 -7.05 -5.54 3.62
N LYS B 21 -8.13 -6.30 3.44
CA LYS B 21 -9.42 -5.87 3.96
C LYS B 21 -9.42 -5.74 5.48
N ASN B 22 -8.43 -6.35 6.14
CA ASN B 22 -8.27 -6.27 7.59
C ASN B 22 -7.29 -5.19 8.01
N PHE B 23 -6.71 -4.47 7.06
CA PHE B 23 -5.65 -3.50 7.33
C PHE B 23 -6.26 -2.12 7.54
N GLN B 24 -6.41 -1.72 8.81
CA GLN B 24 -6.86 -0.39 9.18
C GLN B 24 -5.64 0.53 9.31
N PRO B 25 -5.74 1.78 8.88
CA PRO B 25 -6.96 2.40 8.35
C PRO B 25 -7.05 2.39 6.83
N PHE B 26 -6.14 1.69 6.15
CA PHE B 26 -6.00 1.84 4.71
C PHE B 26 -7.06 1.11 3.91
N SER B 27 -7.69 0.06 4.47
CA SER B 27 -8.65 -0.71 3.69
C SER B 27 -9.79 0.14 3.15
N GLN B 28 -10.16 1.20 3.87
CA GLN B 28 -11.27 2.05 3.45
C GLN B 28 -10.94 2.91 2.22
N TYR B 29 -9.65 3.04 1.86
CA TYR B 29 -9.29 3.74 0.63
C TYR B 29 -9.31 2.85 -0.59
N PHE B 30 -9.21 1.54 -0.42
CA PHE B 30 -9.35 0.64 -1.54
C PHE B 30 -10.77 0.65 -2.09
N ASP B 31 -10.92 0.27 -3.35
CA ASP B 31 -12.22 -0.12 -3.91
C ASP B 31 -12.14 -1.61 -4.27
N PHE B 32 -12.58 -2.46 -3.35
CA PHE B 32 -12.37 -3.90 -3.49
C PHE B 32 -13.29 -4.55 -4.52
N THR B 33 -14.24 -3.81 -5.10
CA THR B 33 -15.07 -4.30 -6.20
C THR B 33 -14.34 -4.31 -7.53
N LEU B 34 -13.16 -3.69 -7.62
CA LEU B 34 -12.47 -3.45 -8.88
C LEU B 34 -11.38 -4.48 -9.12
N THR B 35 -11.09 -4.69 -10.41
CA THR B 35 -10.02 -5.65 -10.80
C THR B 35 -8.81 -4.86 -11.29
N GLY B 36 -7.61 -5.31 -10.96
CA GLY B 36 -6.36 -4.65 -11.34
C GLY B 36 -5.98 -3.54 -10.38
N PRO B 37 -4.68 -3.31 -10.19
CA PRO B 37 -4.25 -2.38 -9.14
C PRO B 37 -4.54 -0.93 -9.50
N ARG B 38 -4.97 -0.18 -8.49
CA ARG B 38 -5.39 1.21 -8.65
C ARG B 38 -4.58 2.13 -7.76
N TYR B 39 -4.58 3.42 -8.11
CA TYR B 39 -4.01 4.46 -7.25
C TYR B 39 -5.08 5.54 -7.01
N ASN B 40 -4.87 6.35 -6.00
CA ASN B 40 -5.84 7.40 -5.67
C ASN B 40 -5.36 8.76 -6.17
N GLY B 41 -6.33 9.54 -6.68
CA GLY B 41 -6.06 10.92 -7.02
C GLY B 41 -6.26 11.90 -5.88
N ASN B 42 -6.81 11.44 -4.76
CA ASN B 42 -7.14 12.29 -3.62
C ASN B 42 -7.42 11.39 -2.42
N ILE B 43 -7.74 12.03 -1.30
CA ILE B 43 -8.09 11.34 -0.07
C ILE B 43 -9.62 11.38 0.06
N ALA B 44 -10.24 10.24 -0.21
CA ALA B 44 -11.63 9.96 0.11
C ALA B 44 -11.74 8.45 0.27
N GLN B 45 -12.82 7.99 0.91
CA GLN B 45 -13.06 6.56 0.93
C GLN B 45 -13.23 6.05 -0.49
N PHE B 46 -12.74 4.84 -0.75
CA PHE B 46 -12.91 4.19 -2.05
C PHE B 46 -12.28 5.00 -3.18
N ALA B 47 -11.23 5.76 -2.86
CA ALA B 47 -10.66 6.67 -3.86
C ALA B 47 -9.60 6.02 -4.74
N MET B 48 -9.15 4.80 -4.42
CA MET B 48 -8.14 4.11 -5.26
C MET B 48 -8.87 3.41 -6.40
N ILE B 49 -9.15 4.19 -7.46
CA ILE B 49 -9.93 3.71 -8.59
C ILE B 49 -9.21 3.80 -9.92
N TRP B 50 -8.02 4.38 -9.99
CA TRP B 50 -7.42 4.69 -11.28
C TRP B 50 -6.43 3.57 -11.65
N LYS B 51 -6.66 2.95 -12.81
CA LYS B 51 -5.87 1.80 -13.24
C LYS B 51 -4.43 2.20 -13.49
N ILE B 52 -3.51 1.55 -12.79
CA ILE B 52 -2.08 1.75 -13.01
C ILE B 52 -1.70 1.11 -14.34
N LYS B 53 -0.93 1.85 -15.15
CA LYS B 53 -0.54 1.36 -16.47
C LYS B 53 0.53 0.28 -16.38
N ASN B 54 0.29 -0.82 -17.11
CA ASN B 54 1.24 -1.91 -17.26
C ASN B 54 1.84 -2.34 -15.92
N PRO B 55 1.00 -2.67 -14.94
CA PRO B 55 1.51 -2.89 -13.57
C PRO B 55 2.29 -4.18 -13.47
N PRO B 56 3.23 -4.28 -12.52
CA PRO B 56 3.82 -5.57 -12.19
C PRO B 56 2.71 -6.56 -11.85
N HIS B 57 2.94 -7.82 -12.18
CA HIS B 57 1.80 -8.73 -12.09
C HIS B 57 1.37 -9.02 -10.66
N ASN B 58 2.18 -8.66 -9.65
CA ASN B 58 1.82 -8.88 -8.25
C ASN B 58 1.56 -7.59 -7.50
N LEU B 59 1.51 -6.46 -8.19
CA LEU B 59 1.08 -5.20 -7.58
C LEU B 59 -0.42 -5.22 -7.28
N LEU B 60 -0.77 -4.81 -6.07
CA LEU B 60 -2.16 -4.78 -5.63
C LEU B 60 -2.76 -3.38 -5.54
N GLY B 61 -1.94 -2.35 -5.34
CA GLY B 61 -2.48 -1.00 -5.28
C GLY B 61 -1.44 -0.02 -4.78
N VAL B 62 -1.79 1.26 -4.90
CA VAL B 62 -0.96 2.38 -4.45
C VAL B 62 -1.85 3.39 -3.74
N PHE B 63 -1.46 3.79 -2.53
CA PHE B 63 -2.17 4.83 -1.79
C PHE B 63 -1.22 5.96 -1.43
N PHE B 64 -1.49 7.17 -1.95
CA PHE B 64 -0.80 8.38 -1.52
C PHE B 64 -1.56 8.99 -0.34
N ASP B 65 -0.83 9.27 0.74
CA ASP B 65 -1.50 9.64 1.99
C ASP B 65 -1.90 11.11 2.09
N ASN B 66 -1.64 11.93 1.06
CA ASN B 66 -2.10 13.31 1.07
C ASN B 66 -2.07 13.88 -0.34
N ASN B 67 -2.67 15.06 -0.47
CA ASN B 67 -2.66 15.90 -1.68
C ASN B 67 -3.36 15.21 -2.85
N THR B 68 -3.16 15.73 -4.06
CA THR B 68 -3.94 15.32 -5.22
C THR B 68 -3.03 15.16 -6.41
N ARG B 69 -3.51 14.49 -7.44
CA ARG B 69 -2.69 14.27 -8.63
C ARG B 69 -3.61 13.89 -9.77
N ASP B 70 -3.04 13.89 -10.99
CA ASP B 70 -3.86 13.54 -12.15
C ASP B 70 -4.41 12.14 -12.01
N ASP B 71 -5.65 11.97 -12.48
CA ASP B 71 -6.49 10.82 -12.16
C ASP B 71 -7.04 10.24 -13.46
N GLU B 72 -6.32 9.24 -14.02
CA GLU B 72 -6.74 8.62 -15.26
C GLU B 72 -6.34 7.15 -15.28
N ASP B 73 -7.14 6.36 -16.01
CA ASP B 73 -6.86 4.93 -16.24
C ASP B 73 -5.80 4.69 -17.31
N ASP B 74 -4.91 3.74 -17.02
CA ASP B 74 -3.98 3.17 -17.99
C ASP B 74 -3.07 4.21 -18.58
N LYS B 75 -2.72 5.21 -17.79
CA LYS B 75 -1.90 6.32 -18.26
C LYS B 75 -0.56 6.42 -17.54
N TYR B 76 -0.49 6.08 -16.25
CA TYR B 76 0.71 6.25 -15.44
C TYR B 76 1.18 4.90 -14.92
N THR B 77 2.45 4.58 -15.20
CA THR B 77 3.08 3.40 -14.61
C THR B 77 3.44 3.67 -13.15
N LEU B 78 3.78 2.58 -12.44
CA LEU B 78 4.22 2.70 -11.05
C LEU B 78 5.41 3.65 -10.93
N GLU B 79 6.40 3.52 -11.82
CA GLU B 79 7.54 4.43 -11.77
C GLU B 79 7.13 5.89 -12.01
N GLU B 80 6.18 6.13 -12.90
CA GLU B 80 5.68 7.49 -13.07
C GLU B 80 4.96 7.98 -11.82
N LEU B 81 4.17 7.10 -11.20
CA LEU B 81 3.42 7.47 -10.01
C LEU B 81 4.36 7.87 -8.86
N LYS B 82 5.55 7.28 -8.78
CA LYS B 82 6.49 7.67 -7.72
C LYS B 82 6.94 9.11 -7.84
N GLN B 83 6.76 9.74 -9.00
CA GLN B 83 7.00 11.17 -9.20
C GLN B 83 5.78 12.03 -8.95
N MET B 84 4.65 11.46 -8.54
CA MET B 84 3.40 12.21 -8.53
C MET B 84 2.83 12.35 -7.12
N GLY B 85 3.66 12.23 -6.09
CA GLY B 85 3.21 12.46 -4.72
C GLY B 85 2.59 13.83 -4.54
N ASN B 86 3.19 14.84 -5.14
CA ASN B 86 2.62 16.18 -5.20
C ASN B 86 2.47 16.76 -3.78
N GLY B 87 3.30 16.34 -2.85
CA GLY B 87 3.21 16.77 -1.45
C GLY B 87 2.92 15.65 -0.48
N ALA B 88 2.44 14.49 -0.94
CA ALA B 88 2.24 13.35 -0.06
C ALA B 88 3.54 13.00 0.67
N LYS B 89 3.42 12.76 1.98
CA LYS B 89 4.58 12.37 2.77
C LYS B 89 4.85 10.88 2.68
N ASN B 90 3.84 10.08 2.34
CA ASN B 90 3.99 8.64 2.24
C ASN B 90 3.27 8.12 1.01
N MET B 91 3.94 7.25 0.27
CA MET B 91 3.33 6.50 -0.82
C MET B 91 3.38 5.02 -0.42
N TYR B 92 2.21 4.46 -0.14
CA TYR B 92 2.13 3.06 0.27
C TYR B 92 1.84 2.21 -0.95
N ILE B 93 2.67 1.21 -1.17
CA ILE B 93 2.59 0.34 -2.32
C ILE B 93 2.31 -1.08 -1.85
N PHE B 94 1.18 -1.64 -2.28
CA PHE B 94 0.70 -2.91 -1.75
C PHE B 94 1.02 -4.03 -2.72
N TRP B 95 1.68 -5.08 -2.23
CA TRP B 95 2.19 -6.16 -3.06
C TRP B 95 1.65 -7.50 -2.58
N GLN B 96 1.40 -8.39 -3.52
CA GLN B 96 1.08 -9.77 -3.17
C GLN B 96 2.36 -10.59 -3.17
N TYR B 97 2.58 -11.34 -2.10
CA TYR B 97 3.81 -12.13 -2.01
C TYR B 97 3.81 -13.23 -3.05
N GLU B 98 4.96 -13.43 -3.70
CA GLU B 98 5.18 -14.62 -4.49
C GLU B 98 6.50 -15.27 -4.06
N GLN B 99 6.53 -16.59 -4.06
CA GLN B 99 7.74 -17.34 -3.73
C GLN B 99 8.60 -17.50 -4.98
N LYS B 100 9.90 -17.20 -4.85
CA LYS B 100 10.84 -17.33 -5.99
C LYS B 100 10.92 -18.80 -6.41
N GLU C 2 21.83 -7.12 -0.62
CA GLU C 2 20.76 -8.10 -0.52
C GLU C 2 21.27 -9.52 -0.80
N ARG C 3 22.60 -9.70 -0.78
CA ARG C 3 23.19 -11.00 -1.10
C ARG C 3 24.44 -11.21 -0.25
N VAL C 4 24.57 -12.40 0.31
CA VAL C 4 25.80 -12.82 0.99
C VAL C 4 26.22 -14.13 0.33
N GLY C 5 27.09 -14.03 -0.66
CA GLY C 5 27.49 -15.20 -1.42
C GLY C 5 26.33 -15.80 -2.16
N ASP C 6 25.98 -17.04 -1.84
CA ASP C 6 24.86 -17.70 -2.47
C ASP C 6 23.55 -17.52 -1.70
N MET C 7 23.55 -16.72 -0.64
CA MET C 7 22.34 -16.51 0.16
C MET C 7 21.66 -15.23 -0.26
N ARG C 8 20.40 -15.35 -0.68
CA ARG C 8 19.58 -14.18 -0.92
C ARG C 8 19.01 -13.71 0.40
N ILE C 9 19.15 -12.42 0.69
CA ILE C 9 18.53 -11.79 1.85
C ILE C 9 17.28 -11.07 1.37
N VAL C 10 16.12 -11.52 1.85
CA VAL C 10 14.81 -11.05 1.39
C VAL C 10 14.16 -10.31 2.53
N ASN C 11 14.08 -8.98 2.42
CA ASN C 11 13.39 -8.15 3.40
C ASN C 11 11.91 -8.04 3.01
N ILE C 12 11.02 -8.46 3.91
CA ILE C 12 9.57 -8.34 3.69
C ILE C 12 8.99 -7.48 4.79
N THR C 13 8.16 -6.49 4.41
CA THR C 13 7.55 -5.58 5.36
C THR C 13 6.05 -5.85 5.38
N PHE C 14 5.50 -6.00 6.59
CA PHE C 14 4.12 -6.39 6.78
C PHE C 14 3.34 -5.29 7.49
N SER C 15 2.02 -5.41 7.38
CA SER C 15 1.14 -4.46 8.06
C SER C 15 1.23 -4.61 9.56
N ASP C 16 1.27 -5.86 10.04
CA ASP C 16 1.34 -6.18 11.46
C ASP C 16 1.71 -7.64 11.57
N ILE C 17 2.01 -8.08 12.79
CA ILE C 17 2.40 -9.48 12.98
C ILE C 17 1.25 -10.41 12.61
N ASN C 18 0.01 -9.98 12.83
CA ASN C 18 -1.15 -10.81 12.49
C ASN C 18 -1.23 -11.09 11.00
N SER C 19 -0.71 -10.20 10.16
CA SER C 19 -0.71 -10.46 8.72
C SER C 19 0.16 -11.66 8.35
N ILE C 20 1.16 -12.01 9.17
CA ILE C 20 2.00 -13.16 8.86
C ILE C 20 1.25 -14.48 9.07
N LYS C 21 0.17 -14.48 9.85
CA LYS C 21 -0.46 -15.74 10.24
C LYS C 21 -1.21 -16.40 9.08
N ASN C 22 -1.50 -15.66 8.00
CA ASN C 22 -2.06 -16.25 6.79
C ASN C 22 -1.02 -16.43 5.70
N PHE C 23 0.27 -16.31 6.04
CA PHE C 23 1.38 -16.47 5.11
C PHE C 23 1.87 -17.90 5.15
N GLN C 24 1.50 -18.68 4.14
CA GLN C 24 2.31 -19.86 3.91
C GLN C 24 3.57 -19.45 3.15
N PRO C 25 4.79 -20.03 3.45
CA PRO C 25 5.09 -21.02 4.55
C PRO C 25 5.58 -20.43 5.88
N PHE C 26 5.73 -19.11 5.97
CA PHE C 26 6.36 -18.51 7.18
C PHE C 26 5.54 -18.63 8.46
N SER C 27 4.21 -18.83 8.39
CA SER C 27 3.46 -18.77 9.64
C SER C 27 3.87 -19.91 10.57
N GLN C 28 4.02 -21.11 10.03
CA GLN C 28 4.29 -22.27 10.87
C GLN C 28 5.70 -22.28 11.46
N TYR C 29 6.61 -21.43 10.96
CA TYR C 29 7.95 -21.33 11.52
C TYR C 29 8.06 -20.29 12.61
N PHE C 30 7.17 -19.29 12.62
CA PHE C 30 7.08 -18.40 13.76
C PHE C 30 6.61 -19.15 15.00
N ASP C 31 6.94 -18.59 16.15
CA ASP C 31 6.34 -19.01 17.42
C ASP C 31 5.65 -17.77 17.96
N PHE C 32 4.34 -17.68 17.73
CA PHE C 32 3.61 -16.47 18.10
C PHE C 32 3.37 -16.34 19.60
N THR C 33 3.79 -17.32 20.43
CA THR C 33 3.69 -17.17 21.88
C THR C 33 4.83 -16.32 22.43
N LEU C 34 5.89 -16.15 21.65
CA LEU C 34 7.06 -15.40 22.07
C LEU C 34 6.92 -13.95 21.63
N THR C 35 7.53 -13.06 22.40
CA THR C 35 7.59 -11.66 22.02
C THR C 35 9.04 -11.26 21.82
N GLY C 36 9.26 -10.31 20.91
CA GLY C 36 10.56 -9.94 20.46
C GLY C 36 11.00 -10.83 19.32
N PRO C 37 11.75 -10.26 18.38
CA PRO C 37 12.06 -10.98 17.15
C PRO C 37 13.04 -12.13 17.39
N ARG C 38 12.77 -13.25 16.71
CA ARG C 38 13.53 -14.47 16.89
C ARG C 38 14.09 -14.96 15.56
N TYR C 39 15.10 -15.82 15.64
CA TYR C 39 15.60 -16.54 14.46
C TYR C 39 15.60 -18.03 14.75
N ASN C 40 15.70 -18.83 13.69
CA ASN C 40 15.67 -20.27 13.80
C ASN C 40 17.06 -20.86 13.65
N GLY C 41 17.37 -21.86 14.49
CA GLY C 41 18.61 -22.60 14.39
C GLY C 41 18.56 -23.78 13.46
N ASN C 42 17.36 -24.11 12.95
CA ASN C 42 17.15 -25.26 12.09
C ASN C 42 15.75 -25.17 11.51
N ILE C 43 15.44 -26.13 10.65
CA ILE C 43 14.15 -26.24 9.96
C ILE C 43 13.26 -27.18 10.78
N ALA C 44 12.22 -26.62 11.39
CA ALA C 44 11.21 -27.37 12.13
C ALA C 44 10.07 -26.41 12.38
N GLN C 45 8.87 -26.95 12.59
CA GLN C 45 7.75 -26.08 12.93
C GLN C 45 8.08 -25.30 14.19
N PHE C 46 7.68 -24.04 14.20
CA PHE C 46 7.84 -23.13 15.34
C PHE C 46 9.31 -23.00 15.77
N ALA C 47 10.26 -23.09 14.83
CA ALA C 47 11.69 -23.06 15.17
C ALA C 47 12.25 -21.65 15.37
N MET C 48 11.52 -20.58 15.04
CA MET C 48 12.01 -19.22 15.27
C MET C 48 11.82 -18.86 16.74
N ILE C 49 12.77 -19.27 17.57
CA ILE C 49 12.66 -19.09 19.03
C ILE C 49 13.84 -18.35 19.63
N TRP C 50 14.95 -18.20 18.93
CA TRP C 50 16.16 -17.67 19.55
C TRP C 50 16.19 -16.15 19.44
N LYS C 51 16.40 -15.48 20.57
CA LYS C 51 16.31 -14.03 20.63
C LYS C 51 17.43 -13.37 19.84
N ILE C 52 17.07 -12.53 18.87
CA ILE C 52 18.06 -11.72 18.16
C ILE C 52 18.58 -10.63 19.07
N LYS C 53 19.90 -10.41 19.04
CA LYS C 53 20.53 -9.50 19.99
C LYS C 53 20.36 -8.05 19.52
N ASN C 54 19.95 -7.18 20.45
CA ASN C 54 19.83 -5.75 20.18
C ASN C 54 19.12 -5.51 18.86
N PRO C 55 17.88 -6.01 18.71
CA PRO C 55 17.24 -5.96 17.40
C PRO C 55 16.85 -4.53 17.06
N PRO C 56 16.86 -4.17 15.77
CA PRO C 56 16.37 -2.85 15.38
C PRO C 56 14.88 -2.74 15.59
N HIS C 57 14.46 -1.49 15.75
CA HIS C 57 13.05 -1.10 15.71
C HIS C 57 12.34 -1.75 14.53
N ASN C 58 11.21 -2.38 14.83
CA ASN C 58 10.26 -2.92 13.86
C ASN C 58 10.70 -4.25 13.26
N LEU C 59 11.78 -4.85 13.74
CA LEU C 59 12.15 -6.19 13.29
C LEU C 59 11.21 -7.20 13.92
N LEU C 60 10.67 -8.10 13.10
CA LEU C 60 9.70 -9.09 13.57
C LEU C 60 10.27 -10.49 13.66
N GLY C 61 11.32 -10.80 12.92
CA GLY C 61 11.85 -12.15 12.92
C GLY C 61 12.75 -12.37 11.73
N VAL C 62 13.50 -13.48 11.81
CA VAL C 62 14.40 -13.94 10.76
C VAL C 62 14.15 -15.43 10.54
N PHE C 63 14.00 -15.84 9.29
CA PHE C 63 13.87 -17.25 8.95
C PHE C 63 14.92 -17.64 7.91
N PHE C 64 15.80 -18.58 8.25
CA PHE C 64 16.71 -19.19 7.29
C PHE C 64 16.07 -20.48 6.74
N ASP C 65 16.07 -20.64 5.42
CA ASP C 65 15.23 -21.66 4.83
C ASP C 65 15.90 -23.03 4.72
N ASN C 66 17.13 -23.17 5.23
CA ASN C 66 17.77 -24.48 5.19
C ASN C 66 18.97 -24.45 6.14
N ASN C 67 19.44 -25.66 6.46
CA ASN C 67 20.67 -25.88 7.24
C ASN C 67 20.49 -25.48 8.70
N THR C 68 21.59 -25.54 9.46
CA THR C 68 21.58 -25.28 10.89
C THR C 68 22.62 -24.22 11.21
N ARG C 69 22.48 -23.62 12.39
CA ARG C 69 23.45 -22.64 12.87
C ARG C 69 23.34 -22.60 14.40
N ASP C 70 24.31 -21.87 14.99
CA ASP C 70 24.28 -21.74 16.47
C ASP C 70 22.90 -21.27 16.90
N ASP C 71 22.49 -21.79 18.03
CA ASP C 71 21.13 -21.51 18.50
C ASP C 71 21.21 -20.91 19.89
N GLU C 72 21.08 -19.59 19.98
CA GLU C 72 21.23 -19.02 21.30
C GLU C 72 20.64 -17.61 21.41
N ASP C 73 20.22 -17.25 22.64
CA ASP C 73 19.56 -15.97 22.91
C ASP C 73 20.55 -14.84 23.10
N ASP C 74 20.21 -13.67 22.57
CA ASP C 74 20.87 -12.41 22.90
C ASP C 74 22.37 -12.47 22.60
N LYS C 75 22.72 -13.18 21.53
CA LYS C 75 24.09 -13.42 21.15
C LYS C 75 24.43 -12.89 19.76
N TYR C 76 23.50 -13.01 18.81
CA TYR C 76 23.76 -12.67 17.41
C TYR C 76 22.86 -11.51 17.01
N THR C 77 23.48 -10.41 16.61
CA THR C 77 22.77 -9.32 15.99
C THR C 77 22.27 -9.73 14.60
N LEU C 78 21.31 -8.96 14.09
CA LEU C 78 20.89 -9.12 12.70
C LEU C 78 22.09 -9.11 11.75
N GLU C 79 23.03 -8.20 11.97
CA GLU C 79 24.20 -8.13 11.09
C GLU C 79 25.01 -9.42 11.13
N GLU C 80 25.26 -9.97 12.32
CA GLU C 80 26.02 -11.21 12.34
C GLU C 80 25.19 -12.38 11.80
N LEU C 81 23.87 -12.37 12.01
CA LEU C 81 23.05 -13.45 11.48
C LEU C 81 23.18 -13.56 9.97
N LYS C 82 23.42 -12.43 9.29
CA LYS C 82 23.58 -12.45 7.84
C LYS C 82 24.83 -13.21 7.41
N GLN C 83 25.75 -13.49 8.32
CA GLN C 83 26.93 -14.31 8.01
C GLN C 83 26.74 -15.77 8.41
N MET C 84 25.56 -16.11 8.89
CA MET C 84 25.33 -17.36 9.58
C MET C 84 24.34 -18.25 8.85
N GLY C 85 24.15 -18.00 7.55
CA GLY C 85 23.24 -18.82 6.77
C GLY C 85 23.71 -20.27 6.69
N ASN C 86 25.02 -20.48 6.64
CA ASN C 86 25.59 -21.82 6.76
C ASN C 86 25.05 -22.76 5.69
N GLY C 87 24.77 -22.21 4.51
CA GLY C 87 24.23 -22.96 3.39
C GLY C 87 22.81 -22.59 3.04
N ALA C 88 22.11 -21.90 3.93
CA ALA C 88 20.76 -21.44 3.64
C ALA C 88 20.74 -20.68 2.32
N LYS C 89 19.78 -21.03 1.47
CA LYS C 89 19.64 -20.34 0.20
C LYS C 89 18.93 -19.00 0.34
N ASN C 90 18.06 -18.85 1.33
CA ASN C 90 17.36 -17.59 1.56
C ASN C 90 17.31 -17.30 3.05
N MET C 91 17.55 -16.03 3.40
CA MET C 91 17.31 -15.50 4.73
C MET C 91 16.18 -14.49 4.61
N TYR C 92 15.03 -14.81 5.19
CA TYR C 92 13.90 -13.89 5.18
C TYR C 92 13.95 -13.04 6.44
N ILE C 93 13.90 -11.73 6.27
CA ILE C 93 13.90 -10.77 7.37
C ILE C 93 12.56 -10.05 7.37
N PHE C 94 11.79 -10.24 8.46
CA PHE C 94 10.41 -9.78 8.53
C PHE C 94 10.35 -8.47 9.33
N TRP C 95 9.71 -7.46 8.76
CA TRP C 95 9.65 -6.12 9.33
C TRP C 95 8.21 -5.68 9.52
N GLN C 96 7.99 -4.84 10.52
CA GLN C 96 6.74 -4.14 10.72
C GLN C 96 6.84 -2.77 10.03
N TYR C 97 5.82 -2.41 9.26
CA TYR C 97 5.83 -1.09 8.62
C TYR C 97 5.69 0.02 9.68
N GLU C 98 6.22 1.20 9.34
CA GLU C 98 6.19 2.42 10.17
C GLU C 98 6.80 2.19 11.56
#